data_7E62
#
_entry.id   7E62
#
_cell.length_a   45.694
_cell.length_b   76.170
_cell.length_c   114.813
_cell.angle_alpha   90.000
_cell.angle_beta   90.000
_cell.angle_gamma   90.000
#
_symmetry.space_group_name_H-M   'P 21 21 21'
#
loop_
_entity.id
_entity.type
_entity.pdbx_description
1 polymer ubiquitin
2 polymer Ubiquitin
3 polymer 'TGF-beta-activated kinase 1 and MAP3K7-binding protein 2'
4 non-polymer '4-(2-HYDROXYETHYL)-1-PIPERAZINE ETHANESULFONIC ACID'
5 non-polymer 'ZINC ION'
6 water water
#
loop_
_entity_poly.entity_id
_entity_poly.type
_entity_poly.pdbx_seq_one_letter_code
_entity_poly.pdbx_strand_id
1 'polypeptide(L)' MQIFVRTLTGKTITLEVEPSDTIENVKAKIQDKEGIPPDQQRLIFAGKQLEDGRTLSDYNIQKESTLHLVLRLRGG A,H
2 'polypeptide(L)' MQIFVKTLTGKTITLEVEPSDTIENVKAKIQDKEGIPPDQQRLIFAGKQLEDGRTLSDYNIQKESTLHLVLRLRGGD B,I
3 'polypeptide(L)' GPLGSKPKDQRSTIKAPKTQDAEDEEGAQWNCTACTFLNHPALIRCEQCEMPRHF C,J
#
loop_
_chem_comp.id
_chem_comp.type
_chem_comp.name
_chem_comp.formula
EPE non-polymer '4-(2-HYDROXYETHYL)-1-PIPERAZINE ETHANESULFONIC ACID' 'C8 H18 N2 O4 S'
ZN non-polymer 'ZINC ION' 'Zn 2'
#
# COMPACT_ATOMS: atom_id res chain seq x y z
N MET A 1 6.42 16.98 -1.22
CA MET A 1 6.04 15.78 -1.94
C MET A 1 4.86 15.08 -1.27
N GLN A 2 4.11 14.30 -2.04
CA GLN A 2 2.99 13.54 -1.52
C GLN A 2 3.39 12.08 -1.31
N ILE A 3 3.10 11.56 -0.12
CA ILE A 3 3.30 10.17 0.20
C ILE A 3 1.96 9.58 0.62
N PHE A 4 1.92 8.27 0.68
CA PHE A 4 0.71 7.54 1.04
C PHE A 4 0.94 6.80 2.35
N VAL A 5 -0.11 6.69 3.16
CA VAL A 5 -0.10 5.90 4.38
C VAL A 5 -1.25 4.92 4.31
N ARG A 6 -0.92 3.62 4.36
CA ARG A 6 -1.92 2.57 4.52
C ARG A 6 -2.30 2.52 5.99
N THR A 7 -3.50 2.99 6.29
CA THR A 7 -4.01 3.11 7.65
C THR A 7 -4.47 1.74 8.15
N LEU A 8 -4.97 1.73 9.39
CA LEU A 8 -5.37 0.49 10.03
C LEU A 8 -6.58 -0.16 9.36
N THR A 9 -7.36 0.60 8.60
CA THR A 9 -8.58 0.10 7.97
C THR A 9 -8.36 -0.43 6.56
N GLY A 10 -7.14 -0.38 6.04
CA GLY A 10 -6.87 -0.74 4.66
C GLY A 10 -7.02 0.42 3.69
N LYS A 11 -7.47 1.55 4.17
CA LYS A 11 -7.57 2.79 3.43
C LYS A 11 -6.19 3.44 3.31
N THR A 12 -5.98 4.19 2.23
CA THR A 12 -4.71 4.86 1.99
C THR A 12 -5.00 6.34 1.97
N ILE A 13 -4.32 7.09 2.84
CA ILE A 13 -4.44 8.54 2.88
C ILE A 13 -3.18 9.14 2.31
N THR A 14 -3.28 10.41 1.93
CA THR A 14 -2.17 11.14 1.34
C THR A 14 -1.69 12.22 2.31
N LEU A 15 -0.38 12.38 2.39
CA LEU A 15 0.23 13.41 3.22
C LEU A 15 1.18 14.24 2.36
N GLU A 16 1.22 15.53 2.64
CA GLU A 16 2.22 16.44 2.09
C GLU A 16 3.35 16.54 3.10
N VAL A 17 4.52 16.05 2.71
CA VAL A 17 5.69 16.00 3.58
C VAL A 17 6.87 16.52 2.80
N GLU A 18 7.97 16.71 3.51
CA GLU A 18 9.24 17.06 2.90
C GLU A 18 10.25 15.99 3.28
N PRO A 19 11.25 15.73 2.43
CA PRO A 19 12.28 14.76 2.78
C PRO A 19 12.94 15.08 4.12
N SER A 20 12.96 16.35 4.49
CA SER A 20 13.55 16.80 5.75
C SER A 20 12.66 16.55 6.96
N ASP A 21 11.40 16.13 6.75
CA ASP A 21 10.49 15.89 7.85
C ASP A 21 10.94 14.71 8.70
N THR A 22 10.76 14.82 10.01
CA THR A 22 11.08 13.73 10.91
C THR A 22 9.96 12.69 10.90
N ILE A 23 10.31 11.49 11.39
CA ILE A 23 9.30 10.44 11.54
C ILE A 23 8.25 10.86 12.56
N GLU A 24 8.66 11.64 13.57
CA GLU A 24 7.72 12.15 14.57
C GLU A 24 6.70 13.08 13.94
N ASN A 25 7.13 13.92 13.01
CA ASN A 25 6.23 14.85 12.35
C ASN A 25 5.18 14.09 11.53
N VAL A 26 5.60 13.03 10.85
CA VAL A 26 4.66 12.20 10.10
C VAL A 26 3.69 11.51 11.05
N LYS A 27 4.19 11.02 12.19
CA LYS A 27 3.30 10.41 13.17
C LYS A 27 2.29 11.40 13.72
N ALA A 28 2.71 12.65 13.91
CA ALA A 28 1.75 13.68 14.37
C ALA A 28 0.68 13.93 13.33
N LYS A 29 1.06 13.96 12.05
CA LYS A 29 0.04 14.11 11.00
C LYS A 29 -0.91 12.90 10.98
N ILE A 30 -0.35 11.70 11.12
CA ILE A 30 -1.17 10.49 11.18
C ILE A 30 -2.08 10.51 12.40
N GLN A 31 -1.63 11.08 13.50
CA GLN A 31 -2.48 11.21 14.68
C GLN A 31 -3.65 12.15 14.40
N ASP A 32 -3.38 13.27 13.72
CA ASP A 32 -4.46 14.16 13.33
C ASP A 32 -5.47 13.46 12.42
N LYS A 33 -4.98 12.59 11.53
CA LYS A 33 -5.89 11.96 10.57
C LYS A 33 -6.63 10.75 11.16
N GLU A 34 -5.96 9.91 11.95
CA GLU A 34 -6.47 8.60 12.33
C GLU A 34 -6.68 8.40 13.83
N GLY A 35 -6.27 9.35 14.67
CA GLY A 35 -6.55 9.28 16.10
C GLY A 35 -5.71 8.33 16.91
N ILE A 36 -4.62 7.81 16.36
CA ILE A 36 -3.72 6.90 17.07
C ILE A 36 -2.54 7.70 17.61
N PRO A 37 -2.27 7.67 18.92
CA PRO A 37 -1.16 8.46 19.47
C PRO A 37 0.17 8.03 18.90
N PRO A 38 1.10 8.97 18.66
CA PRO A 38 2.38 8.60 18.06
C PRO A 38 3.14 7.49 18.79
N ASP A 39 3.08 7.45 20.13
CA ASP A 39 3.80 6.40 20.84
C ASP A 39 3.21 5.01 20.62
N GLN A 40 2.00 4.92 20.06
CA GLN A 40 1.41 3.63 19.69
C GLN A 40 1.48 3.36 18.19
N GLN A 41 2.16 4.22 17.44
CA GLN A 41 2.33 4.06 16.00
C GLN A 41 3.68 3.43 15.67
N ARG A 42 3.67 2.47 14.76
CA ARG A 42 4.85 1.99 14.08
C ARG A 42 4.68 2.24 12.60
N LEU A 43 5.68 2.83 11.95
CA LEU A 43 5.61 3.08 10.52
C LEU A 43 6.62 2.19 9.81
N ILE A 44 6.14 1.43 8.83
CA ILE A 44 6.97 0.50 8.08
C ILE A 44 7.04 0.98 6.64
N PHE A 45 8.22 0.96 6.05
CA PHE A 45 8.38 1.32 4.64
C PHE A 45 9.32 0.36 3.95
N ALA A 46 8.80 -0.34 2.93
CA ALA A 46 9.58 -1.24 2.11
C ALA A 46 10.39 -2.20 2.97
N GLY A 47 9.75 -2.76 3.99
CA GLY A 47 10.39 -3.68 4.88
C GLY A 47 11.17 -3.07 6.03
N LYS A 48 11.24 -1.75 6.14
CA LYS A 48 12.02 -1.11 7.17
C LYS A 48 11.09 -0.45 8.18
N GLN A 49 11.38 -0.62 9.47
CA GLN A 49 10.69 0.10 10.51
C GLN A 49 11.31 1.47 10.67
N LEU A 50 10.48 2.51 10.69
CA LEU A 50 10.99 3.87 10.77
C LEU A 50 11.17 4.25 12.23
N GLU A 51 12.34 4.81 12.55
CA GLU A 51 12.69 5.16 13.93
C GLU A 51 12.49 6.65 14.18
N ASP A 52 11.98 6.98 15.36
CA ASP A 52 11.88 8.37 15.77
C ASP A 52 13.25 9.03 15.79
N GLY A 53 13.30 10.28 15.34
CA GLY A 53 14.53 11.04 15.25
C GLY A 53 15.08 11.15 13.84
N ARG A 54 14.72 10.21 12.97
CA ARG A 54 15.21 10.13 11.60
C ARG A 54 14.34 10.99 10.69
N THR A 55 14.88 11.33 9.52
CA THR A 55 14.10 12.01 8.50
C THR A 55 13.67 11.01 7.41
N LEU A 56 12.67 11.42 6.63
CA LEU A 56 12.21 10.56 5.54
C LEU A 56 13.32 10.29 4.53
N SER A 57 14.18 11.29 4.28
CA SER A 57 15.29 11.11 3.35
C SER A 57 16.27 10.06 3.84
N ASP A 58 16.43 9.90 5.16
CA ASP A 58 17.27 8.84 5.70
C ASP A 58 16.83 7.45 5.26
N TYR A 59 15.57 7.30 4.86
CA TYR A 59 15.04 6.01 4.42
C TYR A 59 14.78 5.94 2.93
N ASN A 60 15.28 6.90 2.15
CA ASN A 60 15.05 6.95 0.71
C ASN A 60 13.56 7.05 0.37
N ILE A 61 12.80 7.68 1.26
CA ILE A 61 11.37 7.89 1.05
C ILE A 61 11.18 9.03 0.06
N GLN A 62 10.51 8.74 -1.04
CA GLN A 62 10.35 9.61 -2.19
C GLN A 62 8.88 10.00 -2.33
N LYS A 63 8.62 10.77 -3.38
CA LYS A 63 7.23 11.00 -3.76
C LYS A 63 6.66 9.67 -4.23
N GLU A 64 5.36 9.49 -3.98
CA GLU A 64 4.57 8.29 -4.29
C GLU A 64 4.90 7.13 -3.35
N SER A 65 5.78 7.31 -2.37
CA SER A 65 6.08 6.25 -1.42
C SER A 65 4.87 5.93 -0.55
N THR A 66 4.76 4.66 -0.16
CA THR A 66 3.70 4.19 0.72
C THR A 66 4.31 3.68 2.02
N LEU A 67 3.87 4.26 3.13
CA LEU A 67 4.20 3.79 4.46
C LEU A 67 3.00 3.00 4.99
N HIS A 68 3.28 2.03 5.85
CA HIS A 68 2.27 1.16 6.44
C HIS A 68 2.19 1.46 7.93
N LEU A 69 0.98 1.80 8.40
CA LEU A 69 0.77 2.12 9.79
C LEU A 69 0.44 0.82 10.53
N VAL A 70 1.16 0.58 11.61
CA VAL A 70 0.99 -0.59 12.45
C VAL A 70 0.68 -0.12 13.86
N LEU A 71 -0.35 -0.70 14.46
CA LEU A 71 -0.64 -0.43 15.86
C LEU A 71 0.41 -1.15 16.68
N ARG A 72 1.03 -0.43 17.61
CA ARG A 72 2.17 -0.97 18.33
C ARG A 72 1.69 -2.02 19.33
N LEU A 73 2.06 -3.28 19.08
CA LEU A 73 1.70 -4.43 19.91
C LEU A 73 1.88 -4.16 21.41
N ARG A 74 1.22 -4.93 22.26
CA ARG A 74 1.33 -4.77 23.70
C ARG A 74 2.62 -5.35 24.28
N GLY A 75 3.47 -5.98 23.47
CA GLY A 75 4.69 -6.53 24.01
C GLY A 75 4.49 -7.90 24.61
N GLY A 76 5.35 -8.84 24.23
CA GLY A 76 5.14 -10.24 24.52
C GLY A 76 4.81 -10.96 23.22
N MET B 1 15.07 -2.29 33.80
CA MET B 1 13.94 -2.28 32.89
C MET B 1 13.44 -3.68 32.61
N GLN B 2 12.18 -3.79 32.21
CA GLN B 2 11.56 -5.06 31.87
C GLN B 2 11.49 -5.22 30.36
N ILE B 3 11.90 -6.39 29.87
CA ILE B 3 11.70 -6.76 28.47
C ILE B 3 10.93 -8.06 28.43
N PHE B 4 10.44 -8.40 27.25
CA PHE B 4 9.66 -9.60 27.03
C PHE B 4 10.43 -10.54 26.11
N VAL B 5 10.28 -11.84 26.34
CA VAL B 5 10.81 -12.87 25.46
C VAL B 5 9.67 -13.79 25.09
N LYS B 6 9.45 -13.97 23.78
CA LYS B 6 8.31 -14.70 23.27
C LYS B 6 8.80 -15.87 22.42
N THR B 7 8.26 -17.05 22.67
CA THR B 7 8.59 -18.20 21.84
C THR B 7 7.90 -18.08 20.48
N LEU B 8 8.17 -19.05 19.60
CA LEU B 8 7.60 -19.04 18.27
C LEU B 8 6.09 -19.27 18.32
N THR B 9 5.59 -19.87 19.39
CA THR B 9 4.17 -20.13 19.57
C THR B 9 3.45 -18.98 20.26
N GLY B 10 4.16 -17.90 20.60
CA GLY B 10 3.54 -16.78 21.28
C GLY B 10 3.55 -16.80 22.80
N LYS B 11 4.10 -17.83 23.44
CA LYS B 11 4.15 -17.83 24.90
C LYS B 11 5.22 -16.85 25.36
N THR B 12 4.94 -16.12 26.44
CA THR B 12 5.76 -14.99 26.84
C THR B 12 6.26 -15.07 28.28
N ILE B 13 7.56 -14.87 28.46
CA ILE B 13 8.13 -14.63 29.78
C ILE B 13 8.64 -13.19 29.83
N THR B 14 8.77 -12.68 31.06
CA THR B 14 9.26 -11.33 31.31
C THR B 14 10.61 -11.41 32.04
N LEU B 15 11.51 -10.51 31.68
CA LEU B 15 12.84 -10.47 32.28
C LEU B 15 13.13 -9.08 32.85
N GLU B 16 13.85 -9.07 33.96
CA GLU B 16 14.37 -7.83 34.55
C GLU B 16 15.82 -7.70 34.11
N VAL B 17 16.12 -6.70 33.28
CA VAL B 17 17.43 -6.56 32.65
C VAL B 17 17.92 -5.14 32.80
N GLU B 18 19.17 -4.93 32.36
CA GLU B 18 19.76 -3.61 32.29
C GLU B 18 20.17 -3.33 30.85
N PRO B 19 20.12 -2.07 30.41
CA PRO B 19 20.58 -1.76 29.03
C PRO B 19 22.00 -2.22 28.76
N SER B 20 22.84 -2.25 29.79
CA SER B 20 24.23 -2.68 29.66
C SER B 20 24.38 -4.20 29.63
N ASP B 21 23.31 -4.96 29.85
CA ASP B 21 23.42 -6.41 29.84
C ASP B 21 23.75 -6.89 28.44
N THR B 22 24.65 -7.87 28.36
CA THR B 22 24.95 -8.51 27.09
C THR B 22 23.88 -9.54 26.74
N ILE B 23 23.83 -9.91 25.47
CA ILE B 23 22.93 -10.99 25.05
C ILE B 23 23.29 -12.28 25.75
N GLU B 24 24.59 -12.47 26.08
CA GLU B 24 25.00 -13.64 26.85
C GLU B 24 24.35 -13.66 28.22
N ASN B 25 24.30 -12.50 28.89
CA ASN B 25 23.66 -12.43 30.20
C ASN B 25 22.17 -12.70 30.10
N VAL B 26 21.53 -12.21 29.03
CA VAL B 26 20.10 -12.45 28.86
C VAL B 26 19.83 -13.94 28.64
N LYS B 27 20.67 -14.59 27.85
CA LYS B 27 20.51 -16.03 27.66
C LYS B 27 20.76 -16.78 28.96
N ALA B 28 21.71 -16.32 29.77
CA ALA B 28 21.93 -16.94 31.08
C ALA B 28 20.71 -16.75 31.99
N LYS B 29 20.08 -15.58 31.95
CA LYS B 29 18.85 -15.37 32.72
C LYS B 29 17.74 -16.29 32.25
N ILE B 30 17.60 -16.43 30.93
CA ILE B 30 16.58 -17.33 30.39
C ILE B 30 16.88 -18.77 30.82
N GLN B 31 18.14 -19.14 30.86
CA GLN B 31 18.51 -20.48 31.31
C GLN B 31 18.18 -20.67 32.79
N ASP B 32 18.43 -19.65 33.60
CA ASP B 32 18.07 -19.71 35.02
C ASP B 32 16.57 -19.86 35.20
N LYS B 33 15.77 -19.15 34.42
CA LYS B 33 14.31 -19.17 34.64
C LYS B 33 13.66 -20.40 34.04
N GLU B 34 14.07 -20.80 32.84
CA GLU B 34 13.38 -21.84 32.09
C GLU B 34 14.22 -23.07 31.82
N GLY B 35 15.51 -23.06 32.16
CA GLY B 35 16.32 -24.25 32.02
C GLY B 35 16.77 -24.54 30.61
N ILE B 36 16.66 -23.59 29.68
CA ILE B 36 17.06 -23.80 28.30
C ILE B 36 18.52 -23.34 28.16
N PRO B 37 19.43 -24.22 27.76
CA PRO B 37 20.84 -23.86 27.70
C PRO B 37 21.10 -22.76 26.69
N PRO B 38 22.01 -21.84 26.99
CA PRO B 38 22.31 -20.73 26.06
C PRO B 38 22.69 -21.18 24.66
N ASP B 39 23.41 -22.30 24.52
CA ASP B 39 23.79 -22.74 23.18
C ASP B 39 22.58 -23.17 22.35
N GLN B 40 21.44 -23.40 23.01
CA GLN B 40 20.22 -23.76 22.31
C GLN B 40 19.28 -22.58 22.15
N GLN B 41 19.69 -21.39 22.59
CA GLN B 41 18.87 -20.19 22.49
C GLN B 41 19.32 -19.37 21.30
N ARG B 42 18.38 -18.98 20.46
CA ARG B 42 18.58 -17.97 19.44
C ARG B 42 17.59 -16.85 19.69
N LEU B 43 18.08 -15.61 19.76
CA LEU B 43 17.24 -14.46 20.04
C LEU B 43 17.17 -13.53 18.83
N ILE B 44 15.95 -13.17 18.44
CA ILE B 44 15.68 -12.31 17.30
C ILE B 44 15.11 -10.99 17.79
N PHE B 45 15.63 -9.89 17.25
CA PHE B 45 15.05 -8.57 17.49
C PHE B 45 15.18 -7.76 16.21
N ALA B 46 14.07 -7.13 15.81
CA ALA B 46 14.01 -6.30 14.60
C ALA B 46 14.47 -7.07 13.37
N GLY B 47 14.06 -8.34 13.29
CA GLY B 47 14.36 -9.18 12.15
C GLY B 47 15.75 -9.81 12.13
N LYS B 48 16.61 -9.49 13.09
CA LYS B 48 17.98 -9.98 13.10
C LYS B 48 18.25 -10.88 14.29
N GLN B 49 19.15 -11.84 14.08
CA GLN B 49 19.66 -12.66 15.18
C GLN B 49 20.69 -11.87 15.97
N LEU B 50 20.54 -11.88 17.29
CA LEU B 50 21.38 -11.11 18.20
C LEU B 50 22.64 -11.87 18.59
N GLU B 51 23.76 -11.15 18.62
CA GLU B 51 25.07 -11.73 18.90
C GLU B 51 25.38 -11.57 20.39
N ASP B 52 25.94 -12.62 20.98
CA ASP B 52 26.17 -12.65 22.42
C ASP B 52 27.04 -11.51 22.93
N GLY B 53 28.02 -11.07 22.15
CA GLY B 53 28.95 -10.06 22.62
C GLY B 53 28.37 -8.67 22.80
N ARG B 54 27.31 -8.34 22.06
CA ARG B 54 26.76 -7.00 22.18
C ARG B 54 25.78 -6.92 23.35
N THR B 55 25.48 -5.68 23.74
CA THR B 55 24.54 -5.39 24.81
C THR B 55 23.18 -5.05 24.23
N LEU B 56 22.17 -5.08 25.10
CA LEU B 56 20.82 -4.71 24.71
C LEU B 56 20.79 -3.28 24.16
N SER B 57 21.59 -2.39 24.76
CA SER B 57 21.68 -1.02 24.27
C SER B 57 22.30 -0.94 22.88
N ASP B 58 23.25 -1.84 22.59
CA ASP B 58 23.85 -1.88 21.25
C ASP B 58 22.84 -2.19 20.15
N TYR B 59 21.72 -2.85 20.48
CA TYR B 59 20.68 -3.16 19.51
C TYR B 59 19.46 -2.29 19.69
N ASN B 60 19.55 -1.23 20.49
CA ASN B 60 18.44 -0.32 20.76
C ASN B 60 17.26 -1.06 21.38
N ILE B 61 17.53 -2.10 22.13
CA ILE B 61 16.50 -2.82 22.87
C ILE B 61 16.19 -2.02 24.13
N GLN B 62 14.94 -1.58 24.26
CA GLN B 62 14.51 -0.69 25.32
C GLN B 62 13.54 -1.41 26.25
N LYS B 63 13.03 -0.68 27.24
CA LYS B 63 12.02 -1.29 28.11
C LYS B 63 10.79 -1.63 27.29
N GLU B 64 10.13 -2.73 27.65
CA GLU B 64 8.93 -3.26 27.01
C GLU B 64 9.23 -3.83 25.63
N SER B 65 10.49 -3.84 25.20
CA SER B 65 10.85 -4.48 23.95
C SER B 65 10.62 -5.98 24.03
N THR B 66 10.32 -6.58 22.88
CA THR B 66 10.07 -8.01 22.81
C THR B 66 11.16 -8.68 21.99
N LEU B 67 11.81 -9.67 22.58
CA LEU B 67 12.75 -10.55 21.89
C LEU B 67 12.05 -11.86 21.57
N HIS B 68 12.45 -12.48 20.47
CA HIS B 68 11.84 -13.73 20.03
C HIS B 68 12.85 -14.87 20.18
N LEU B 69 12.48 -15.86 20.98
CA LEU B 69 13.34 -17.01 21.27
C LEU B 69 13.04 -18.15 20.29
N VAL B 70 14.09 -18.66 19.67
CA VAL B 70 14.00 -19.78 18.73
C VAL B 70 14.90 -20.91 19.23
N LEU B 71 14.35 -22.12 19.25
CA LEU B 71 15.13 -23.30 19.64
C LEU B 71 16.13 -23.65 18.53
N ARG B 72 17.40 -23.73 18.88
CA ARG B 72 18.45 -23.95 17.89
C ARG B 72 18.75 -25.43 17.64
N LEU B 73 18.60 -26.29 18.65
CA LEU B 73 19.13 -27.65 18.59
C LEU B 73 20.54 -27.55 18.06
N GLU C 26 18.28 -21.71 6.96
CA GLU C 26 17.17 -20.96 7.54
C GLU C 26 16.25 -20.39 6.48
N GLY C 27 16.83 -19.89 5.41
CA GLY C 27 16.13 -19.13 4.40
C GLY C 27 16.50 -17.66 4.49
N ALA C 28 15.90 -16.89 3.60
CA ALA C 28 16.10 -15.44 3.60
C ALA C 28 14.94 -14.75 4.33
N GLN C 29 15.17 -13.48 4.68
CA GLN C 29 14.11 -12.70 5.31
C GLN C 29 12.88 -12.65 4.42
N TRP C 30 11.73 -12.38 5.04
CA TRP C 30 10.47 -12.39 4.32
C TRP C 30 9.65 -11.16 4.69
N ASN C 31 9.02 -10.58 3.68
CA ASN C 31 8.21 -9.39 3.87
C ASN C 31 6.83 -9.78 4.38
N CYS C 32 6.38 -9.11 5.44
CA CYS C 32 5.02 -9.30 5.93
C CYS C 32 4.03 -8.88 4.86
N THR C 33 3.00 -9.70 4.65
CA THR C 33 1.98 -9.36 3.66
C THR C 33 1.00 -8.31 4.15
N ALA C 34 1.09 -7.89 5.41
CA ALA C 34 0.23 -6.83 5.93
C ALA C 34 0.92 -5.48 6.02
N CYS C 35 2.17 -5.43 6.50
CA CYS C 35 2.88 -4.19 6.73
C CYS C 35 4.21 -4.09 6.01
N THR C 36 4.63 -5.13 5.30
CA THR C 36 5.86 -5.29 4.52
C THR C 36 7.12 -5.46 5.35
N PHE C 37 7.05 -5.50 6.68
CA PHE C 37 8.27 -5.58 7.48
C PHE C 37 9.07 -6.82 7.11
N LEU C 38 10.39 -6.66 7.07
CA LEU C 38 11.32 -7.72 6.69
C LEU C 38 11.64 -8.55 7.93
N ASN C 39 11.05 -9.73 8.03
CA ASN C 39 11.15 -10.57 9.21
C ASN C 39 12.22 -11.64 9.06
N HIS C 40 12.71 -12.11 10.22
CA HIS C 40 13.66 -13.21 10.28
C HIS C 40 13.02 -14.49 9.76
N PRO C 41 13.79 -15.38 9.12
CA PRO C 41 13.21 -16.61 8.55
C PRO C 41 12.67 -17.57 9.60
N ALA C 42 13.08 -17.44 10.86
CA ALA C 42 12.57 -18.34 11.89
C ALA C 42 11.17 -17.97 12.34
N LEU C 43 10.80 -16.69 12.24
CA LEU C 43 9.52 -16.23 12.77
C LEU C 43 8.37 -16.68 11.88
N ILE C 44 7.29 -17.11 12.52
CA ILE C 44 6.07 -17.53 11.83
C ILE C 44 5.03 -16.40 11.76
N ARG C 45 5.21 -15.33 12.53
CA ARG C 45 4.36 -14.15 12.49
C ARG C 45 5.21 -12.90 12.37
N CYS C 46 4.60 -11.83 11.88
CA CYS C 46 5.32 -10.58 11.76
C CYS C 46 5.74 -10.09 13.14
N GLU C 47 6.99 -9.62 13.24
CA GLU C 47 7.45 -9.07 14.49
C GLU C 47 6.71 -7.79 14.86
N GLN C 48 6.26 -7.03 13.86
CA GLN C 48 5.58 -5.75 14.11
C GLN C 48 4.08 -5.91 14.35
N CYS C 49 3.38 -6.71 13.56
CA CYS C 49 1.93 -6.74 13.59
C CYS C 49 1.32 -8.12 13.79
N GLU C 50 2.14 -9.17 13.91
CA GLU C 50 1.71 -10.56 14.16
C GLU C 50 0.95 -11.18 13.00
N MET C 51 0.98 -10.57 11.82
CA MET C 51 0.45 -11.24 10.64
C MET C 51 1.24 -12.53 10.40
N PRO C 52 0.57 -13.67 10.23
CA PRO C 52 1.29 -14.92 10.02
C PRO C 52 2.04 -14.93 8.70
N ARG C 53 3.17 -15.65 8.69
CA ARG C 53 3.91 -15.84 7.45
C ARG C 53 3.02 -16.51 6.41
N HIS C 54 3.18 -16.08 5.16
CA HIS C 54 2.34 -16.54 4.05
C HIS C 54 2.93 -17.78 3.34
N PHE C 55 3.97 -18.38 3.89
CA PHE C 55 4.57 -19.57 3.27
C PHE C 55 5.34 -20.40 4.30
N MET D 1 14.81 -5.88 -9.07
CA MET D 1 14.38 -5.03 -7.97
C MET D 1 13.05 -5.50 -7.40
N GLN D 2 12.78 -5.12 -6.16
CA GLN D 2 11.56 -5.50 -5.46
C GLN D 2 10.56 -4.35 -5.46
N ILE D 3 9.31 -4.65 -5.84
CA ILE D 3 8.21 -3.70 -5.72
C ILE D 3 7.08 -4.36 -4.95
N PHE D 4 6.14 -3.53 -4.49
CA PHE D 4 5.01 -4.00 -3.70
C PHE D 4 3.71 -3.72 -4.45
N VAL D 5 2.73 -4.61 -4.25
CA VAL D 5 1.40 -4.44 -4.83
C VAL D 5 0.35 -4.56 -3.71
N ARG D 6 -0.46 -3.52 -3.52
CA ARG D 6 -1.62 -3.63 -2.65
C ARG D 6 -2.72 -4.40 -3.36
N THR D 7 -3.17 -5.49 -2.75
CA THR D 7 -4.12 -6.42 -3.37
C THR D 7 -5.54 -6.18 -2.85
N LEU D 8 -6.47 -7.02 -3.33
CA LEU D 8 -7.90 -6.87 -3.06
C LEU D 8 -8.28 -7.10 -1.60
N THR D 9 -7.48 -7.85 -0.83
CA THR D 9 -7.82 -8.15 0.55
C THR D 9 -7.27 -7.15 1.55
N GLY D 10 -6.60 -6.11 1.09
CA GLY D 10 -5.89 -5.20 1.96
C GLY D 10 -4.47 -5.64 2.22
N LYS D 11 -4.10 -6.82 1.75
CA LYS D 11 -2.74 -7.31 1.83
C LYS D 11 -1.87 -6.67 0.77
N THR D 12 -0.57 -6.62 1.06
CA THR D 12 0.42 -6.07 0.15
C THR D 12 1.36 -7.23 -0.14
N ILE D 13 1.54 -7.53 -1.43
CA ILE D 13 2.44 -8.60 -1.83
C ILE D 13 3.69 -8.00 -2.43
N THR D 14 4.73 -8.83 -2.50
CA THR D 14 6.02 -8.40 -3.02
C THR D 14 6.29 -9.09 -4.35
N LEU D 15 6.88 -8.34 -5.28
CA LEU D 15 7.22 -8.85 -6.60
C LEU D 15 8.69 -8.58 -6.90
N GLU D 16 9.32 -9.54 -7.57
CA GLU D 16 10.67 -9.36 -8.11
C GLU D 16 10.53 -9.00 -9.59
N VAL D 17 10.91 -7.78 -9.95
CA VAL D 17 10.73 -7.27 -11.30
C VAL D 17 12.04 -6.64 -11.76
N GLU D 18 12.09 -6.32 -13.05
CA GLU D 18 13.16 -5.55 -13.66
C GLU D 18 12.60 -4.30 -14.33
N PRO D 19 13.38 -3.23 -14.38
CA PRO D 19 12.89 -2.00 -15.04
C PRO D 19 12.43 -2.22 -16.47
N SER D 20 12.97 -3.21 -17.17
CA SER D 20 12.58 -3.47 -18.56
C SER D 20 11.26 -4.22 -18.67
N ASP D 21 10.71 -4.72 -17.56
CA ASP D 21 9.46 -5.45 -17.62
C ASP D 21 8.30 -4.54 -18.02
N THR D 22 7.43 -5.06 -18.88
CA THR D 22 6.20 -4.36 -19.22
C THR D 22 5.16 -4.55 -18.13
N ILE D 23 4.14 -3.71 -18.14
CA ILE D 23 3.03 -3.88 -17.22
C ILE D 23 2.36 -5.23 -17.42
N GLU D 24 2.39 -5.77 -18.64
CA GLU D 24 1.83 -7.10 -18.88
C GLU D 24 2.58 -8.16 -18.08
N ASN D 25 3.91 -8.09 -18.04
CA ASN D 25 4.67 -9.05 -17.26
C ASN D 25 4.36 -8.92 -15.78
N VAL D 26 4.18 -7.69 -15.30
CA VAL D 26 3.85 -7.47 -13.90
C VAL D 26 2.47 -8.04 -13.58
N LYS D 27 1.51 -7.86 -14.48
CA LYS D 27 0.19 -8.42 -14.28
C LYS D 27 0.24 -9.94 -14.29
N ALA D 28 1.08 -10.54 -15.12
CA ALA D 28 1.24 -11.99 -15.11
C ALA D 28 1.81 -12.47 -13.77
N LYS D 29 2.77 -11.72 -13.22
CA LYS D 29 3.32 -12.07 -11.91
C LYS D 29 2.25 -11.95 -10.82
N ILE D 30 1.44 -10.89 -10.89
CA ILE D 30 0.33 -10.74 -9.96
C ILE D 30 -0.66 -11.88 -10.11
N GLN D 31 -0.86 -12.36 -11.33
CA GLN D 31 -1.74 -13.51 -11.55
C GLN D 31 -1.17 -14.76 -10.89
N ASP D 32 0.15 -14.95 -10.99
CA ASP D 32 0.76 -16.10 -10.33
C ASP D 32 0.51 -16.04 -8.83
N LYS D 33 0.57 -14.85 -8.24
CA LYS D 33 0.41 -14.78 -6.78
C LYS D 33 -1.05 -14.77 -6.32
N GLU D 34 -1.95 -14.08 -7.04
CA GLU D 34 -3.30 -13.78 -6.57
C GLU D 34 -4.42 -14.41 -7.39
N GLY D 35 -4.13 -15.03 -8.52
CA GLY D 35 -5.14 -15.73 -9.30
C GLY D 35 -6.07 -14.85 -10.11
N ILE D 36 -5.75 -13.57 -10.27
CA ILE D 36 -6.58 -12.65 -11.05
C ILE D 36 -5.97 -12.54 -12.45
N PRO D 37 -6.70 -12.88 -13.51
CA PRO D 37 -6.11 -12.80 -14.85
C PRO D 37 -5.79 -11.37 -15.21
N PRO D 38 -4.73 -11.15 -15.99
CA PRO D 38 -4.34 -9.78 -16.35
C PRO D 38 -5.46 -8.92 -16.95
N ASP D 39 -6.38 -9.52 -17.71
CA ASP D 39 -7.45 -8.71 -18.31
C ASP D 39 -8.43 -8.14 -17.29
N GLN D 40 -8.43 -8.65 -16.06
CA GLN D 40 -9.27 -8.10 -15.01
C GLN D 40 -8.49 -7.28 -13.98
N GLN D 41 -7.22 -7.01 -14.23
CA GLN D 41 -6.40 -6.21 -13.33
C GLN D 41 -6.30 -4.77 -13.83
N ARG D 42 -6.47 -3.83 -12.92
CA ARG D 42 -6.08 -2.45 -13.14
C ARG D 42 -5.02 -2.11 -12.11
N LEU D 43 -3.90 -1.55 -12.57
CA LEU D 43 -2.78 -1.19 -11.70
C LEU D 43 -2.65 0.32 -11.67
N ILE D 44 -2.61 0.89 -10.46
CA ILE D 44 -2.54 2.33 -10.29
C ILE D 44 -1.19 2.67 -9.67
N PHE D 45 -0.50 3.64 -10.26
CA PHE D 45 0.74 4.18 -9.70
C PHE D 45 0.79 5.66 -10.02
N ALA D 46 1.05 6.48 -9.01
CA ALA D 46 1.14 7.93 -9.16
C ALA D 46 -0.14 8.52 -9.75
N GLY D 47 -1.28 8.01 -9.29
CA GLY D 47 -2.57 8.53 -9.69
C GLY D 47 -3.05 8.10 -11.06
N LYS D 48 -2.24 7.40 -11.83
CA LYS D 48 -2.59 7.00 -13.19
C LYS D 48 -2.76 5.49 -13.28
N GLN D 49 -3.66 5.07 -14.15
CA GLN D 49 -3.77 3.66 -14.50
C GLN D 49 -2.63 3.29 -15.44
N LEU D 50 -1.93 2.21 -15.12
CA LEU D 50 -0.76 1.81 -15.90
C LEU D 50 -1.19 1.06 -17.14
N GLU D 51 -0.55 1.38 -18.27
CA GLU D 51 -0.96 0.85 -19.56
C GLU D 51 -0.18 -0.41 -19.89
N ASP D 52 -0.90 -1.40 -20.40
CA ASP D 52 -0.22 -2.54 -21.00
C ASP D 52 0.58 -2.01 -22.19
N GLY D 53 1.82 -2.46 -22.33
CA GLY D 53 2.72 -2.03 -23.38
C GLY D 53 3.87 -1.15 -22.91
N ARG D 54 3.70 -0.45 -21.78
CA ARG D 54 4.77 0.39 -21.26
C ARG D 54 5.64 -0.44 -20.32
N THR D 55 6.85 0.03 -20.06
CA THR D 55 7.74 -0.62 -19.10
C THR D 55 7.71 0.11 -17.77
N LEU D 56 8.22 -0.58 -16.74
CA LEU D 56 8.30 0.03 -15.41
C LEU D 56 9.18 1.28 -15.42
N SER D 57 10.27 1.26 -16.18
CA SER D 57 11.11 2.45 -16.29
C SER D 57 10.36 3.58 -16.99
N ASP D 58 9.48 3.24 -17.94
CA ASP D 58 8.66 4.26 -18.60
C ASP D 58 7.78 5.02 -17.61
N TYR D 59 7.47 4.42 -16.46
CA TYR D 59 6.68 5.08 -15.43
C TYR D 59 7.52 5.52 -14.25
N ASN D 60 8.85 5.44 -14.36
CA ASN D 60 9.75 5.81 -13.28
C ASN D 60 9.46 5.03 -12.02
N ILE D 61 9.01 3.79 -12.18
CA ILE D 61 8.80 2.88 -11.06
C ILE D 61 10.16 2.32 -10.68
N GLN D 62 10.56 2.55 -9.43
CA GLN D 62 11.88 2.18 -8.93
C GLN D 62 11.73 1.06 -7.91
N LYS D 63 12.85 0.66 -7.32
CA LYS D 63 12.78 -0.29 -6.22
C LYS D 63 12.01 0.34 -5.06
N GLU D 64 11.31 -0.49 -4.30
CA GLU D 64 10.51 -0.10 -3.14
C GLU D 64 9.22 0.62 -3.53
N SER D 65 8.90 0.71 -4.82
CA SER D 65 7.63 1.29 -5.25
C SER D 65 6.46 0.41 -4.84
N THR D 66 5.31 1.03 -4.61
CA THR D 66 4.08 0.33 -4.29
C THR D 66 3.06 0.61 -5.39
N LEU D 67 2.56 -0.46 -6.02
CA LEU D 67 1.47 -0.38 -6.98
C LEU D 67 0.16 -0.78 -6.32
N HIS D 68 -0.94 -0.21 -6.81
CA HIS D 68 -2.25 -0.46 -6.23
C HIS D 68 -3.10 -1.22 -7.23
N LEU D 69 -3.54 -2.42 -6.85
CA LEU D 69 -4.30 -3.31 -7.71
C LEU D 69 -5.80 -3.11 -7.52
N VAL D 70 -6.52 -2.93 -8.62
CA VAL D 70 -7.97 -2.80 -8.61
C VAL D 70 -8.55 -3.89 -9.50
N LEU D 71 -9.56 -4.58 -9.00
CA LEU D 71 -10.29 -5.54 -9.81
C LEU D 71 -11.19 -4.78 -10.78
N ARG D 72 -11.08 -5.10 -12.07
CA ARG D 72 -11.86 -4.39 -13.06
C ARG D 72 -13.35 -4.63 -12.83
N LEU D 73 -14.09 -3.53 -12.68
CA LEU D 73 -15.50 -3.60 -12.32
C LEU D 73 -16.32 -4.29 -13.40
N ARG D 74 -17.33 -5.04 -12.96
CA ARG D 74 -18.24 -5.69 -13.88
C ARG D 74 -19.41 -4.77 -14.19
N GLY D 75 -19.78 -4.70 -15.48
CA GLY D 75 -20.94 -3.93 -15.87
C GLY D 75 -20.62 -2.54 -16.36
N GLY D 76 -20.69 -1.56 -15.47
CA GLY D 76 -20.44 -0.18 -15.87
C GLY D 76 -19.89 0.72 -14.78
N MET E 1 -17.41 0.03 -32.01
CA MET E 1 -17.07 -0.47 -30.68
C MET E 1 -18.14 -0.14 -29.65
N GLN E 2 -18.18 -0.93 -28.58
CA GLN E 2 -19.14 -0.76 -27.50
C GLN E 2 -18.48 -0.08 -26.31
N ILE E 3 -19.11 0.98 -25.80
CA ILE E 3 -18.69 1.66 -24.59
C ILE E 3 -19.85 1.77 -23.61
N PHE E 4 -19.53 2.14 -22.37
CA PHE E 4 -20.48 2.31 -21.28
C PHE E 4 -20.53 3.76 -20.84
N VAL E 5 -21.70 4.19 -20.41
CA VAL E 5 -21.91 5.50 -19.79
C VAL E 5 -22.52 5.26 -18.43
N LYS E 6 -21.80 5.66 -17.39
CA LYS E 6 -22.18 5.37 -16.01
C LYS E 6 -22.46 6.68 -15.27
N THR E 7 -23.54 6.70 -14.51
CA THR E 7 -23.88 7.87 -13.71
C THR E 7 -23.28 7.76 -12.31
N LEU E 8 -23.49 8.79 -11.50
CA LEU E 8 -22.92 8.81 -10.16
C LEU E 8 -23.55 7.76 -9.25
N THR E 9 -24.74 7.28 -9.58
CA THR E 9 -25.41 6.26 -8.79
C THR E 9 -25.07 4.85 -9.23
N GLY E 10 -24.18 4.68 -10.20
CA GLY E 10 -23.84 3.36 -10.69
C GLY E 10 -24.65 2.88 -11.87
N LYS E 11 -25.59 3.67 -12.37
CA LYS E 11 -26.42 3.26 -13.49
C LYS E 11 -25.66 3.31 -14.80
N THR E 12 -25.91 2.32 -15.66
CA THR E 12 -25.14 2.11 -16.88
C THR E 12 -26.02 2.00 -18.11
N ILE E 13 -25.73 2.79 -19.14
CA ILE E 13 -26.27 2.54 -20.46
C ILE E 13 -25.10 2.13 -21.35
N THR E 14 -25.42 1.46 -22.44
CA THR E 14 -24.42 1.00 -23.40
C THR E 14 -24.62 1.75 -24.72
N LEU E 15 -23.51 2.14 -25.35
CA LEU E 15 -23.55 2.87 -26.61
C LEU E 15 -22.70 2.18 -27.67
N GLU E 16 -23.18 2.26 -28.92
CA GLU E 16 -22.42 1.82 -30.08
C GLU E 16 -21.80 3.07 -30.70
N VAL E 17 -20.47 3.14 -30.68
CA VAL E 17 -19.75 4.32 -31.16
C VAL E 17 -18.61 3.88 -32.07
N GLU E 18 -18.00 4.86 -32.72
CA GLU E 18 -16.79 4.68 -33.49
C GLU E 18 -15.69 5.56 -32.92
N PRO E 19 -14.44 5.12 -32.98
CA PRO E 19 -13.34 5.95 -32.47
C PRO E 19 -13.29 7.35 -33.06
N SER E 20 -13.80 7.54 -34.28
CA SER E 20 -13.79 8.85 -34.93
C SER E 20 -14.90 9.77 -34.43
N ASP E 21 -15.83 9.28 -33.63
CA ASP E 21 -16.93 10.10 -33.14
C ASP E 21 -16.44 11.18 -32.20
N THR E 22 -17.04 12.37 -32.29
CA THR E 22 -16.75 13.41 -31.33
C THR E 22 -17.51 13.16 -30.03
N ILE E 23 -17.04 13.81 -28.96
CA ILE E 23 -17.74 13.75 -27.68
C ILE E 23 -19.12 14.37 -27.80
N GLU E 24 -19.23 15.38 -28.66
CA GLU E 24 -20.52 16.02 -28.93
C GLU E 24 -21.50 15.02 -29.56
N ASN E 25 -21.02 14.19 -30.47
CA ASN E 25 -21.84 13.15 -31.08
C ASN E 25 -22.30 12.12 -30.06
N VAL E 26 -21.40 11.76 -29.12
CA VAL E 26 -21.74 10.81 -28.07
C VAL E 26 -22.81 11.40 -27.15
N LYS E 27 -22.68 12.69 -26.83
CA LYS E 27 -23.70 13.33 -26.00
C LYS E 27 -25.05 13.36 -26.71
N ALA E 28 -25.04 13.57 -28.03
CA ALA E 28 -26.29 13.52 -28.79
C ALA E 28 -26.90 12.13 -28.78
N LYS E 29 -26.07 11.08 -28.85
CA LYS E 29 -26.59 9.72 -28.74
C LYS E 29 -27.21 9.48 -27.37
N ILE E 30 -26.56 9.98 -26.32
CA ILE E 30 -27.13 9.86 -24.98
C ILE E 30 -28.48 10.58 -24.92
N GLN E 31 -28.59 11.72 -25.60
CA GLN E 31 -29.86 12.43 -25.65
C GLN E 31 -30.93 11.62 -26.38
N ASP E 32 -30.54 10.96 -27.48
CA ASP E 32 -31.47 10.11 -28.20
C ASP E 32 -32.00 8.99 -27.32
N LYS E 33 -31.13 8.38 -26.51
CA LYS E 33 -31.58 7.23 -25.73
C LYS E 33 -32.33 7.64 -24.48
N GLU E 34 -31.86 8.68 -23.78
CA GLU E 34 -32.35 9.00 -22.45
C GLU E 34 -32.99 10.37 -22.34
N GLY E 35 -32.91 11.21 -23.37
CA GLY E 35 -33.57 12.50 -23.35
C GLY E 35 -32.87 13.60 -22.58
N ILE E 36 -31.59 13.43 -22.24
CA ILE E 36 -30.85 14.43 -21.47
C ILE E 36 -30.16 15.35 -22.47
N PRO E 37 -30.41 16.66 -22.43
CA PRO E 37 -29.82 17.57 -23.41
C PRO E 37 -28.31 17.57 -23.29
N PRO E 38 -27.60 17.67 -24.42
CA PRO E 38 -26.13 17.65 -24.37
C PRO E 38 -25.53 18.71 -23.46
N ASP E 39 -26.13 19.91 -23.39
CA ASP E 39 -25.56 20.96 -22.55
C ASP E 39 -25.67 20.65 -21.06
N GLN E 40 -26.45 19.65 -20.66
CA GLN E 40 -26.54 19.24 -19.27
C GLN E 40 -25.67 18.01 -19.00
N GLN E 41 -24.91 17.56 -19.99
CA GLN E 41 -24.06 16.38 -19.85
C GLN E 41 -22.61 16.82 -19.64
N ARG E 42 -21.98 16.22 -18.64
CA ARG E 42 -20.53 16.28 -18.47
C ARG E 42 -19.99 14.86 -18.54
N LEU E 43 -18.99 14.63 -19.38
CA LEU E 43 -18.40 13.30 -19.53
C LEU E 43 -16.96 13.31 -19.03
N ILE E 44 -16.66 12.38 -18.13
CA ILE E 44 -15.32 12.24 -17.53
C ILE E 44 -14.76 10.90 -17.98
N PHE E 45 -13.51 10.90 -18.42
CA PHE E 45 -12.84 9.63 -18.72
C PHE E 45 -11.37 9.74 -18.38
N ALA E 46 -10.86 8.75 -17.63
CA ALA E 46 -9.45 8.66 -17.26
C ALA E 46 -8.97 9.95 -16.59
N GLY E 47 -9.80 10.49 -15.70
CA GLY E 47 -9.45 11.68 -14.96
C GLY E 47 -9.65 12.98 -15.70
N LYS E 48 -10.07 12.94 -16.96
CA LYS E 48 -10.21 14.13 -17.79
C LYS E 48 -11.67 14.42 -18.10
N GLN E 49 -12.02 15.70 -18.11
CA GLN E 49 -13.31 16.14 -18.63
C GLN E 49 -13.23 16.23 -20.14
N LEU E 50 -14.17 15.61 -20.83
CA LEU E 50 -14.11 15.50 -22.28
C LEU E 50 -14.73 16.72 -22.94
N GLU E 51 -14.06 17.24 -23.96
CA GLU E 51 -14.51 18.43 -24.66
C GLU E 51 -15.28 18.00 -25.91
N ASP E 52 -16.35 18.73 -26.21
CA ASP E 52 -17.24 18.40 -27.32
C ASP E 52 -16.50 18.26 -28.65
N GLY E 53 -15.55 19.16 -28.92
CA GLY E 53 -14.86 19.17 -30.20
C GLY E 53 -13.96 17.98 -30.45
N ARG E 54 -13.53 17.29 -29.40
CA ARG E 54 -12.57 16.21 -29.60
C ARG E 54 -13.25 14.89 -29.93
N THR E 55 -12.43 13.98 -30.42
CA THR E 55 -12.79 12.65 -30.86
C THR E 55 -12.49 11.63 -29.74
N LEU E 56 -13.16 10.47 -29.80
CA LEU E 56 -12.93 9.44 -28.80
C LEU E 56 -11.50 8.94 -28.80
N SER E 57 -10.89 8.80 -29.99
CA SER E 57 -9.51 8.35 -30.04
C SER E 57 -8.58 9.36 -29.40
N ASP E 58 -8.93 10.65 -29.48
CA ASP E 58 -8.15 11.70 -28.85
C ASP E 58 -8.01 11.47 -27.34
N TYR E 59 -8.91 10.71 -26.74
CA TYR E 59 -8.86 10.39 -25.32
C TYR E 59 -8.48 8.94 -25.06
N ASN E 60 -8.07 8.20 -26.09
CA ASN E 60 -7.69 6.78 -25.96
C ASN E 60 -8.85 5.93 -25.44
N ILE E 61 -10.07 6.31 -25.79
CA ILE E 61 -11.26 5.55 -25.41
C ILE E 61 -11.38 4.34 -26.31
N GLN E 62 -11.38 3.15 -25.72
CA GLN E 62 -11.41 1.89 -26.45
C GLN E 62 -12.73 1.15 -26.18
N LYS E 63 -12.84 -0.05 -26.73
CA LYS E 63 -14.01 -0.89 -26.47
C LYS E 63 -14.12 -1.24 -25.00
N GLU E 64 -15.35 -1.25 -24.52
CA GLU E 64 -15.73 -1.55 -23.15
C GLU E 64 -15.26 -0.50 -22.16
N SER E 65 -14.71 0.62 -22.63
CA SER E 65 -14.39 1.72 -21.74
C SER E 65 -15.67 2.28 -21.13
N THR E 66 -15.54 2.83 -19.94
CA THR E 66 -16.66 3.43 -19.23
C THR E 66 -16.45 4.92 -19.14
N LEU E 67 -17.40 5.69 -19.64
CA LEU E 67 -17.42 7.13 -19.45
C LEU E 67 -18.36 7.42 -18.30
N HIS E 68 -18.05 8.46 -17.54
CA HIS E 68 -18.83 8.80 -16.37
C HIS E 68 -19.58 10.09 -16.65
N LEU E 69 -20.91 9.99 -16.59
CA LEU E 69 -21.80 11.10 -16.90
C LEU E 69 -22.13 11.87 -15.63
N VAL E 70 -21.95 13.18 -15.68
CA VAL E 70 -22.23 14.05 -14.55
C VAL E 70 -23.29 15.05 -14.98
N LEU E 71 -24.30 15.23 -14.14
CA LEU E 71 -25.35 16.20 -14.40
C LEU E 71 -24.78 17.60 -14.22
N ARG E 72 -24.93 18.45 -15.23
CA ARG E 72 -24.33 19.78 -15.34
C ARG E 72 -25.41 20.85 -15.54
N LEU E 73 -26.07 21.24 -14.46
CA LEU E 73 -27.13 22.22 -14.58
C LEU E 73 -26.55 23.61 -14.79
N ARG E 74 -27.18 24.38 -15.69
CA ARG E 74 -26.71 25.72 -16.02
C ARG E 74 -27.85 26.72 -15.97
N GLU F 26 -13.27 22.71 -2.86
CA GLU F 26 -11.99 22.28 -3.43
C GLU F 26 -12.20 21.72 -4.83
N GLY F 27 -11.59 22.38 -5.82
CA GLY F 27 -11.81 22.02 -7.21
C GLY F 27 -10.60 21.41 -7.89
N ALA F 28 -9.71 20.81 -7.10
CA ALA F 28 -8.55 20.11 -7.62
C ALA F 28 -8.81 18.61 -7.67
N GLN F 29 -7.96 17.92 -8.44
CA GLN F 29 -8.04 16.47 -8.50
C GLN F 29 -7.84 15.87 -7.11
N TRP F 30 -8.34 14.64 -6.93
CA TRP F 30 -8.30 14.01 -5.62
C TRP F 30 -7.91 12.55 -5.76
N ASN F 31 -7.04 12.09 -4.87
CA ASN F 31 -6.62 10.69 -4.88
C ASN F 31 -7.65 9.85 -4.16
N CYS F 32 -8.07 8.76 -4.80
CA CYS F 32 -8.95 7.82 -4.13
C CYS F 32 -8.24 7.25 -2.91
N THR F 33 -8.96 7.19 -1.80
CA THR F 33 -8.40 6.65 -0.58
C THR F 33 -8.35 5.12 -0.56
N ALA F 34 -8.90 4.45 -1.59
CA ALA F 34 -8.81 3.01 -1.70
C ALA F 34 -7.74 2.57 -2.67
N CYS F 35 -7.64 3.22 -3.84
CA CYS F 35 -6.72 2.80 -4.89
C CYS F 35 -5.76 3.90 -5.32
N THR F 36 -5.85 5.09 -4.74
CA THR F 36 -4.96 6.24 -4.97
C THR F 36 -5.14 6.89 -6.35
N PHE F 37 -6.09 6.43 -7.16
CA PHE F 37 -6.27 7.01 -8.49
C PHE F 37 -6.60 8.50 -8.38
N LEU F 38 -6.05 9.28 -9.30
CA LEU F 38 -6.27 10.73 -9.33
C LEU F 38 -7.53 11.02 -10.14
N ASN F 39 -8.61 11.38 -9.45
CA ASN F 39 -9.90 11.60 -10.09
C ASN F 39 -10.14 13.07 -10.39
N HIS F 40 -10.97 13.31 -11.40
CA HIS F 40 -11.37 14.67 -11.74
C HIS F 40 -12.20 15.26 -10.59
N PRO F 41 -12.08 16.57 -10.35
CA PRO F 41 -12.85 17.17 -9.25
C PRO F 41 -14.36 17.11 -9.46
N ALA F 42 -14.83 16.89 -10.69
CA ALA F 42 -16.25 16.79 -10.93
C ALA F 42 -16.82 15.45 -10.46
N LEU F 43 -16.02 14.39 -10.51
CA LEU F 43 -16.46 13.08 -10.04
C LEU F 43 -16.40 13.05 -8.52
N ILE F 44 -17.46 12.53 -7.90
CA ILE F 44 -17.50 12.42 -6.44
C ILE F 44 -17.19 11.01 -5.93
N ARG F 45 -17.12 10.02 -6.82
CA ARG F 45 -16.68 8.69 -6.45
C ARG F 45 -15.66 8.21 -7.48
N CYS F 46 -14.80 7.29 -7.04
CA CYS F 46 -13.66 6.88 -7.86
C CYS F 46 -14.07 6.25 -9.18
N GLU F 47 -13.40 6.68 -10.25
CA GLU F 47 -13.62 6.11 -11.58
C GLU F 47 -13.19 4.64 -11.65
N GLN F 48 -12.15 4.26 -10.88
CA GLN F 48 -11.61 2.91 -10.93
C GLN F 48 -12.34 1.94 -10.01
N CYS F 49 -12.65 2.36 -8.78
CA CYS F 49 -13.21 1.44 -7.80
C CYS F 49 -14.51 1.93 -7.17
N GLU F 50 -15.01 3.10 -7.57
CA GLU F 50 -16.28 3.68 -7.11
C GLU F 50 -16.26 4.11 -5.65
N MET F 51 -15.10 4.15 -5.01
CA MET F 51 -15.02 4.72 -3.67
C MET F 51 -15.41 6.19 -3.68
N PRO F 52 -16.29 6.64 -2.80
CA PRO F 52 -16.65 8.06 -2.80
C PRO F 52 -15.47 8.92 -2.35
N ARG F 53 -15.44 10.15 -2.86
CA ARG F 53 -14.44 11.11 -2.41
C ARG F 53 -14.57 11.31 -0.91
N HIS F 54 -13.42 11.48 -0.26
CA HIS F 54 -13.32 11.52 1.20
C HIS F 54 -13.58 12.90 1.77
N PHE F 55 -14.02 13.84 0.95
CA PHE F 55 -14.34 15.19 1.41
C PHE F 55 -15.34 15.85 0.46
N1 EPE G . -7.61 -4.89 5.84
C2 EPE G . -6.21 -4.49 6.00
C3 EPE G . -5.44 -5.69 6.54
N4 EPE G . -6.19 -6.58 7.41
C5 EPE G . -7.64 -6.47 7.57
C6 EPE G . -8.17 -5.12 7.17
C7 EPE G . -5.58 -7.82 7.83
C8 EPE G . -5.21 -7.82 9.30
O8 EPE G . -5.94 -8.82 9.99
C9 EPE G . -8.42 -3.92 5.09
C10 EPE G . -9.67 -4.70 4.66
S EPE G . -10.38 -4.31 3.05
O1S EPE G . -10.92 -5.54 2.49
O2S EPE G . -9.36 -3.76 2.16
O3S EPE G . -11.46 -3.34 3.23
ZN ZN H . 3.63 -7.00 9.66
ZN ZN I . -10.39 4.12 -6.36
#